data_3MTC
#
_entry.id   3MTC
#
_cell.length_a   133.761
_cell.length_b   133.761
_cell.length_c   133.761
_cell.angle_alpha   90.00
_cell.angle_beta   90.00
_cell.angle_gamma   90.00
#
_symmetry.space_group_name_H-M   'P 21 3'
#
loop_
_entity.id
_entity.type
_entity.pdbx_description
1 polymer 'Type II inositol-1,4,5-trisphosphate 5-phosphatase'
2 non-polymer GLYCEROL
3 non-polymer 'MAGNESIUM ION'
4 non-polymer '(2R)-3-{[(S)-hydroxy{[(1R,2R,3R,4R,5S,6R)-2,3,5,6-tetrahydroxy-4-(phosphonooxy)cyclohexyl]oxy}phosphoryl]oxy}propane-1,2-diyl dioctanoate'
5 non-polymer 'SULFATE ION'
6 non-polymer 'CHLORIDE ION'
7 water water
#
_entity_poly.entity_id   1
_entity_poly.type   'polypeptide(L)'
_entity_poly.pdbx_seq_one_letter_code
;MYTYIQNFRFFAGTYNVNGQSPKECLRLWLSNGIQAPDVYCVGFQELDLSKEAFFFHDTPKEEEWFKAVSEGLHPDAKYA
KVKLIRLVGIMLLLYVKQEHAAYISEVEAETVGTGIMGRMGNKGGVAIRFQFHNTSICVVNSHLAAHIEEYERRNQDYKD
ICSRMQFCQPDPSLPPLTISNHDVILWLGDLNYRIEELDVEKVKKLIEEKDFQMLYAYDQLKIQVAAKTVFEGFTEGELT
FQPTYKYDTGSDDWDTSEKCRAPAWCDRILWKGKNITQLSYQSHMALKTSDHKPVSSVFDIGVRVVAHHHHHH
;
_entity_poly.pdbx_strand_id   A
#
loop_
_chem_comp.id
_chem_comp.type
_chem_comp.name
_chem_comp.formula
CL non-polymer 'CHLORIDE ION' 'Cl -1'
GOL non-polymer GLYCEROL 'C3 H8 O3'
MG non-polymer 'MAGNESIUM ION' 'Mg 2'
PIF non-polymer '(2R)-3-{[(S)-hydroxy{[(1R,2R,3R,4R,5S,6R)-2,3,5,6-tetrahydroxy-4-(phosphonooxy)cyclohexyl]oxy}phosphoryl]oxy}propane-1,2-diyl dioctanoate' 'C25 H48 O16 P2'
SO4 non-polymer 'SULFATE ION' 'O4 S -2'
#
# COMPACT_ATOMS: atom_id res chain seq x y z
N MET A 1 -10.45 -16.86 -29.92
CA MET A 1 -9.22 -17.01 -29.10
C MET A 1 -9.51 -17.87 -27.86
N TYR A 2 -8.46 -18.47 -27.31
CA TYR A 2 -8.56 -19.19 -26.04
C TYR A 2 -7.68 -18.58 -24.97
N THR A 3 -8.18 -18.53 -23.74
CA THR A 3 -7.38 -18.07 -22.60
C THR A 3 -7.20 -19.14 -21.53
N TYR A 4 -6.09 -19.03 -20.81
CA TYR A 4 -5.74 -19.94 -19.72
C TYR A 4 -5.13 -19.13 -18.57
N ILE A 5 -5.18 -19.69 -17.37
CA ILE A 5 -4.54 -19.08 -16.19
C ILE A 5 -3.05 -19.37 -16.13
N GLN A 6 -2.26 -18.30 -16.06
CA GLN A 6 -0.83 -18.37 -15.84
C GLN A 6 -0.51 -17.54 -14.58
N ASN A 7 0.29 -18.13 -13.68
CA ASN A 7 0.63 -17.48 -12.41
C ASN A 7 1.78 -16.48 -12.55
N PHE A 8 1.60 -15.29 -11.98
CA PHE A 8 2.68 -14.30 -11.88
C PHE A 8 2.90 -13.84 -10.44
N ARG A 9 4.13 -13.44 -10.14
CA ARG A 9 4.48 -12.96 -8.79
C ARG A 9 4.39 -11.45 -8.69
N PHE A 10 3.54 -10.98 -7.78
CA PHE A 10 3.34 -9.56 -7.49
C PHE A 10 3.87 -9.24 -6.10
N PHE A 11 4.74 -8.23 -6.03
CA PHE A 11 5.19 -7.65 -4.77
C PHE A 11 4.40 -6.38 -4.53
N ALA A 12 3.90 -6.23 -3.31
CA ALA A 12 3.23 -5.02 -2.87
C ALA A 12 3.97 -4.52 -1.62
N GLY A 13 4.30 -3.23 -1.61
CA GLY A 13 5.02 -2.60 -0.52
C GLY A 13 4.35 -1.32 -0.10
N THR A 14 4.34 -1.04 1.20
CA THR A 14 3.89 0.25 1.72
C THR A 14 4.89 0.77 2.76
N TYR A 15 5.18 2.06 2.72
CA TYR A 15 6.19 2.67 3.60
C TYR A 15 5.83 4.13 3.87
N ASN A 16 5.51 4.45 5.12
CA ASN A 16 5.36 5.85 5.55
C ASN A 16 6.76 6.36 5.90
N VAL A 17 7.25 7.33 5.16
CA VAL A 17 8.66 7.74 5.26
C VAL A 17 8.87 9.03 6.06
N ASN A 18 7.82 9.47 6.75
CA ASN A 18 7.90 10.60 7.67
C ASN A 18 8.62 11.83 7.12
N GLY A 19 8.41 12.13 5.84
CA GLY A 19 8.93 13.36 5.24
C GLY A 19 10.41 13.37 4.95
N GLN A 20 11.07 12.22 5.13
CA GLN A 20 12.51 12.12 4.95
C GLN A 20 12.91 11.83 3.51
N SER A 21 14.15 12.17 3.19
CA SER A 21 14.83 11.68 1.99
C SER A 21 15.33 10.26 2.28
N PRO A 22 15.46 9.43 1.24
CA PRO A 22 15.97 8.08 1.45
C PRO A 22 17.45 8.10 1.85
N LYS A 23 17.80 7.39 2.92
CA LYS A 23 19.19 7.30 3.39
C LYS A 23 19.75 5.88 3.31
N GLU A 24 18.89 4.89 3.18
CA GLU A 24 19.30 3.49 3.22
C GLU A 24 19.00 2.80 1.88
N CYS A 25 19.77 1.76 1.59
CA CYS A 25 19.51 0.91 0.44
C CYS A 25 18.16 0.24 0.66
N LEU A 26 17.30 0.20 -0.36
CA LEU A 26 15.96 -0.36 -0.20
C LEU A 26 15.85 -1.85 -0.54
N ARG A 27 16.96 -2.50 -0.90
CA ARG A 27 16.97 -3.97 -1.06
C ARG A 27 16.43 -4.69 0.17
N LEU A 28 16.74 -4.18 1.36
CA LEU A 28 16.24 -4.80 2.58
C LEU A 28 14.71 -4.84 2.63
N TRP A 29 14.08 -3.97 1.84
CA TRP A 29 12.62 -3.96 1.72
C TRP A 29 12.14 -4.70 0.47
N LEU A 30 12.76 -4.39 -0.66
CA LEU A 30 12.20 -4.72 -1.98
C LEU A 30 12.72 -6.02 -2.60
N SER A 31 13.88 -6.50 -2.14
CA SER A 31 14.46 -7.73 -2.68
C SER A 31 15.38 -8.35 -1.62
N ASN A 32 14.79 -8.76 -0.52
CA ASN A 32 15.53 -9.28 0.61
C ASN A 32 15.29 -10.76 0.69
N GLY A 33 16.14 -11.54 0.02
CA GLY A 33 15.99 -13.00 0.00
C GLY A 33 14.70 -13.53 -0.63
N ILE A 34 14.25 -12.90 -1.72
CA ILE A 34 13.08 -13.40 -2.46
C ILE A 34 13.42 -13.61 -3.93
N GLN A 35 12.62 -14.43 -4.60
CA GLN A 35 12.66 -14.57 -6.06
C GLN A 35 12.32 -13.24 -6.71
N ALA A 36 12.85 -13.01 -7.91
CA ALA A 36 12.53 -11.81 -8.67
C ALA A 36 11.03 -11.76 -8.92
N PRO A 37 10.34 -10.72 -8.41
CA PRO A 37 8.93 -10.59 -8.76
C PRO A 37 8.70 -10.25 -10.23
N ASP A 38 7.53 -10.62 -10.74
CA ASP A 38 7.12 -10.23 -12.08
C ASP A 38 6.61 -8.80 -12.14
N VAL A 39 5.93 -8.39 -11.07
CA VAL A 39 5.36 -7.06 -10.93
C VAL A 39 5.65 -6.48 -9.54
N TYR A 40 6.04 -5.20 -9.52
CA TYR A 40 6.29 -4.45 -8.30
C TYR A 40 5.26 -3.34 -8.16
N CYS A 41 4.60 -3.28 -7.02
CA CYS A 41 3.67 -2.21 -6.68
C CYS A 41 4.17 -1.61 -5.38
N VAL A 42 4.71 -0.39 -5.45
CA VAL A 42 5.40 0.22 -4.32
C VAL A 42 4.80 1.58 -3.94
N GLY A 43 4.32 1.66 -2.70
CA GLY A 43 3.58 2.81 -2.21
C GLY A 43 4.22 3.48 -1.00
N PHE A 44 4.13 4.80 -0.99
CA PHE A 44 4.65 5.62 0.08
C PHE A 44 3.56 6.51 0.64
N GLN A 45 3.74 6.89 1.90
CA GLN A 45 3.04 7.99 2.50
C GLN A 45 4.04 8.97 3.11
N GLU A 46 3.60 10.23 3.22
CA GLU A 46 4.40 11.30 3.78
C GLU A 46 5.73 11.47 3.08
N LEU A 47 5.72 11.37 1.77
CA LEU A 47 6.92 11.63 0.97
C LEU A 47 7.52 13.01 1.22
N ASP A 48 6.67 14.00 1.48
CA ASP A 48 7.09 15.40 1.65
C ASP A 48 6.07 16.11 2.53
N LEU A 49 6.50 16.54 3.71
CA LEU A 49 5.58 17.16 4.68
C LEU A 49 5.57 18.68 4.60
N SER A 50 6.21 19.26 3.58
CA SER A 50 6.30 20.72 3.45
C SER A 50 4.97 21.38 3.05
N LYS A 51 4.82 22.66 3.41
CA LYS A 51 3.69 23.46 2.98
C LYS A 51 3.63 23.59 1.44
N GLU A 52 4.79 23.64 0.80
CA GLU A 52 4.84 23.75 -0.66
C GLU A 52 4.22 22.51 -1.31
N ALA A 53 4.54 21.32 -0.80
CA ALA A 53 3.98 20.07 -1.34
C ALA A 53 2.47 19.96 -1.08
N PHE A 54 2.06 20.45 0.09
CA PHE A 54 0.66 20.53 0.47
C PHE A 54 -0.17 21.37 -0.53
N PHE A 55 0.41 22.46 -1.04
CA PHE A 55 -0.29 23.26 -2.06
C PHE A 55 0.08 22.82 -3.49
N PHE A 56 0.47 21.54 -3.60
CA PHE A 56 0.49 20.77 -4.85
C PHE A 56 1.66 21.08 -5.79
N HIS A 57 2.71 21.69 -5.25
CA HIS A 57 3.95 21.88 -6.01
C HIS A 57 4.74 20.58 -6.19
N ASP A 58 5.54 20.54 -7.26
CA ASP A 58 6.50 19.50 -7.48
C ASP A 58 7.50 19.46 -6.33
N THR A 59 8.02 18.27 -6.05
CA THR A 59 8.95 18.05 -4.96
C THR A 59 10.09 17.16 -5.44
N PRO A 60 11.32 17.47 -5.03
CA PRO A 60 12.43 16.60 -5.40
C PRO A 60 12.37 15.23 -4.70
N LYS A 61 11.55 15.13 -3.65
CA LYS A 61 11.31 13.85 -2.98
C LYS A 61 10.77 12.77 -3.90
N GLU A 62 10.00 13.17 -4.91
CA GLU A 62 9.46 12.23 -5.89
C GLU A 62 10.58 11.45 -6.57
N GLU A 63 11.50 12.16 -7.23
CA GLU A 63 12.63 11.54 -7.91
C GLU A 63 13.57 10.83 -6.92
N GLU A 64 13.87 11.43 -5.77
CA GLU A 64 14.76 10.77 -4.80
C GLU A 64 14.26 9.38 -4.44
N TRP A 65 12.98 9.28 -4.06
CA TRP A 65 12.43 7.99 -3.66
C TRP A 65 12.22 7.06 -4.85
N PHE A 66 11.80 7.58 -5.99
CA PHE A 66 11.70 6.77 -7.20
C PHE A 66 13.04 6.12 -7.60
N LYS A 67 14.12 6.90 -7.57
CA LYS A 67 15.45 6.39 -7.84
C LYS A 67 15.81 5.32 -6.81
N ALA A 68 15.52 5.57 -5.53
CA ALA A 68 15.86 4.62 -4.48
C ALA A 68 15.13 3.27 -4.66
N VAL A 69 13.86 3.32 -5.06
CA VAL A 69 13.10 2.08 -5.34
C VAL A 69 13.73 1.36 -6.53
N SER A 70 13.99 2.10 -7.60
CA SER A 70 14.55 1.51 -8.80
C SER A 70 15.84 0.75 -8.51
N GLU A 71 16.66 1.28 -7.58
CA GLU A 71 17.96 0.69 -7.23
C GLU A 71 17.80 -0.51 -6.29
N GLY A 72 16.68 -0.57 -5.58
CA GLY A 72 16.39 -1.67 -4.67
C GLY A 72 15.60 -2.84 -5.24
N LEU A 73 15.14 -2.72 -6.47
CA LEU A 73 14.43 -3.84 -7.11
C LEU A 73 15.36 -5.02 -7.32
N HIS A 74 14.78 -6.20 -7.48
CA HIS A 74 15.58 -7.42 -7.60
C HIS A 74 16.59 -7.31 -8.74
N PRO A 75 17.87 -7.66 -8.48
CA PRO A 75 18.92 -7.51 -9.49
C PRO A 75 18.83 -8.44 -10.71
N ASP A 76 18.10 -9.56 -10.64
CA ASP A 76 18.05 -10.51 -11.76
C ASP A 76 17.21 -10.09 -12.97
N ALA A 77 16.37 -9.08 -12.85
CA ALA A 77 15.56 -8.65 -13.98
C ALA A 77 15.75 -7.18 -14.21
N LYS A 78 15.69 -6.78 -15.48
CA LYS A 78 15.47 -5.40 -15.83
C LYS A 78 13.98 -5.10 -15.64
N TYR A 79 13.67 -4.09 -14.84
CA TYR A 79 12.27 -3.70 -14.62
C TYR A 79 11.92 -2.46 -15.43
N ALA A 80 10.78 -2.50 -16.09
CA ALA A 80 10.24 -1.34 -16.82
C ALA A 80 9.34 -0.54 -15.89
N LYS A 81 9.51 0.78 -15.92
CA LYS A 81 8.70 1.70 -15.17
CA LYS A 81 8.66 1.69 -15.16
C LYS A 81 7.38 1.83 -15.93
N VAL A 82 6.27 1.41 -15.34
CA VAL A 82 4.99 1.48 -16.04
C VAL A 82 4.27 2.79 -15.72
N LYS A 83 4.21 3.15 -14.43
CA LYS A 83 3.43 4.30 -14.03
C LYS A 83 3.81 4.78 -12.63
N LEU A 84 3.78 6.11 -12.48
CA LEU A 84 3.98 6.79 -11.23
C LEU A 84 2.79 7.74 -11.03
N ILE A 85 2.25 7.79 -9.81
CA ILE A 85 1.19 8.74 -9.49
C ILE A 85 1.40 9.21 -8.05
N ARG A 86 1.21 10.51 -7.84
CA ARG A 86 1.45 11.12 -6.56
C ARG A 86 0.40 12.20 -6.30
N LEU A 87 -0.13 12.21 -5.08
CA LEU A 87 -0.87 13.34 -4.52
C LEU A 87 -0.17 13.75 -3.22
N VAL A 88 0.49 14.92 -3.23
CA VAL A 88 1.24 15.44 -2.08
C VAL A 88 2.24 14.38 -1.62
N GLY A 89 2.03 13.73 -0.48
CA GLY A 89 2.99 12.73 0.00
C GLY A 89 2.62 11.29 -0.30
N ILE A 90 1.51 11.08 -0.99
CA ILE A 90 1.02 9.73 -1.30
C ILE A 90 1.46 9.40 -2.72
N MET A 91 2.34 8.41 -2.87
CA MET A 91 2.92 8.05 -4.17
C MET A 91 2.83 6.56 -4.39
N LEU A 92 2.45 6.16 -5.60
CA LEU A 92 2.40 4.77 -5.97
C LEU A 92 3.19 4.54 -7.27
N LEU A 93 4.02 3.51 -7.29
CA LEU A 93 4.85 3.16 -8.45
C LEU A 93 4.50 1.79 -8.93
N LEU A 94 4.38 1.61 -10.25
CA LEU A 94 4.17 0.29 -10.84
C LEU A 94 5.33 -0.03 -11.79
N TYR A 95 6.00 -1.16 -11.57
CA TYR A 95 7.02 -1.67 -12.49
C TYR A 95 6.67 -3.09 -12.90
N VAL A 96 7.07 -3.49 -14.11
CA VAL A 96 6.94 -4.90 -14.53
C VAL A 96 8.26 -5.34 -15.14
N LYS A 97 8.61 -6.62 -15.01
CA LYS A 97 9.81 -7.12 -15.73
C LYS A 97 9.68 -6.71 -17.20
N GLN A 98 10.80 -6.36 -17.81
CA GLN A 98 10.81 -5.91 -19.21
C GLN A 98 10.08 -6.88 -20.17
N GLU A 99 10.37 -8.17 -20.04
CA GLU A 99 9.70 -9.19 -20.87
C GLU A 99 8.18 -9.17 -20.78
N HIS A 100 7.59 -8.67 -19.69
CA HIS A 100 6.14 -8.62 -19.56
C HIS A 100 5.51 -7.30 -20.00
N ALA A 101 6.33 -6.28 -20.27
CA ALA A 101 5.81 -4.91 -20.53
C ALA A 101 4.88 -4.82 -21.75
N ALA A 102 5.16 -5.55 -22.81
CA ALA A 102 4.29 -5.54 -24.01
C ALA A 102 2.85 -6.03 -23.74
N TYR A 103 2.63 -6.73 -22.62
CA TYR A 103 1.30 -7.22 -22.28
C TYR A 103 0.58 -6.35 -21.25
N ILE A 104 1.11 -5.15 -21.01
CA ILE A 104 0.47 -4.17 -20.15
C ILE A 104 -0.30 -3.18 -21.05
N SER A 105 -1.59 -2.97 -20.81
CA SER A 105 -2.35 -1.96 -21.54
C SER A 105 -3.35 -1.26 -20.63
N GLU A 106 -3.98 -0.20 -21.16
CA GLU A 106 -5.04 0.55 -20.46
C GLU A 106 -4.62 1.04 -19.06
N VAL A 107 -3.43 1.61 -18.99
CA VAL A 107 -2.90 2.18 -17.76
C VAL A 107 -3.58 3.51 -17.47
N GLU A 108 -4.25 3.59 -16.34
CA GLU A 108 -4.85 4.84 -15.89
C GLU A 108 -4.47 5.06 -14.43
N ALA A 109 -4.29 6.32 -14.03
CA ALA A 109 -4.00 6.64 -12.63
C ALA A 109 -4.81 7.83 -12.16
N GLU A 110 -5.30 7.80 -10.92
CA GLU A 110 -6.09 8.89 -10.39
C GLU A 110 -5.83 9.05 -8.89
N THR A 111 -6.33 10.17 -8.33
CA THR A 111 -6.10 10.51 -6.90
C THR A 111 -7.39 11.09 -6.29
N VAL A 112 -7.55 10.91 -4.97
CA VAL A 112 -8.68 11.48 -4.25
C VAL A 112 -8.16 12.00 -2.91
N GLY A 113 -8.23 13.31 -2.68
CA GLY A 113 -7.84 13.87 -1.40
C GLY A 113 -8.98 13.83 -0.42
N THR A 114 -8.71 13.45 0.82
CA THR A 114 -9.74 13.30 1.85
C THR A 114 -9.27 13.89 3.17
N GLY A 115 -8.34 14.84 3.10
CA GLY A 115 -7.76 15.48 4.27
C GLY A 115 -8.49 16.78 4.59
N ILE A 116 -7.74 17.88 4.66
CA ILE A 116 -8.29 19.15 5.11
C ILE A 116 -9.50 19.56 4.28
N MET A 117 -10.58 19.91 4.99
CA MET A 117 -11.89 20.22 4.40
C MET A 117 -12.46 19.08 3.55
N GLY A 118 -12.05 17.87 3.87
CA GLY A 118 -12.49 16.68 3.15
C GLY A 118 -11.97 16.57 1.73
N ARG A 119 -11.00 17.40 1.34
CA ARG A 119 -10.59 17.52 -0.07
CA ARG A 119 -10.58 17.42 -0.05
C ARG A 119 -9.09 17.61 -0.30
N MET A 120 -8.35 18.20 0.64
CA MET A 120 -6.90 18.35 0.46
C MET A 120 -6.12 17.01 0.55
N GLY A 121 -4.86 17.04 0.12
CA GLY A 121 -4.09 15.84 -0.10
C GLY A 121 -3.18 15.39 1.03
N ASN A 122 -3.29 16.02 2.19
CA ASN A 122 -2.57 15.55 3.38
C ASN A 122 -2.94 14.13 3.81
N LYS A 123 -4.15 13.70 3.45
CA LYS A 123 -4.61 12.31 3.57
C LYS A 123 -5.43 12.04 2.31
N GLY A 124 -5.68 10.76 2.02
CA GLY A 124 -6.47 10.38 0.83
C GLY A 124 -5.93 9.12 0.21
N GLY A 125 -6.13 8.96 -1.10
CA GLY A 125 -5.62 7.80 -1.82
C GLY A 125 -5.21 8.08 -3.26
N VAL A 126 -4.30 7.27 -3.77
CA VAL A 126 -3.94 7.29 -5.19
C VAL A 126 -4.10 5.85 -5.70
N ALA A 127 -4.27 5.70 -7.01
CA ALA A 127 -4.46 4.38 -7.59
C ALA A 127 -3.98 4.30 -9.03
N ILE A 128 -3.42 3.16 -9.40
CA ILE A 128 -3.06 2.86 -10.77
C ILE A 128 -3.87 1.64 -11.14
N ARG A 129 -4.63 1.70 -12.24
CA ARG A 129 -5.31 0.51 -12.76
C ARG A 129 -4.73 0.18 -14.13
N PHE A 130 -4.83 -1.08 -14.52
CA PHE A 130 -4.25 -1.52 -15.78
C PHE A 130 -4.77 -2.90 -16.16
N GLN A 131 -4.46 -3.30 -17.38
CA GLN A 131 -4.75 -4.64 -17.83
C GLN A 131 -3.43 -5.34 -18.09
N PHE A 132 -3.30 -6.54 -17.55
CA PHE A 132 -2.13 -7.37 -17.76
C PHE A 132 -2.65 -8.60 -18.45
N HIS A 133 -2.17 -8.86 -19.67
CA HIS A 133 -2.82 -9.79 -20.59
C HIS A 133 -4.33 -9.48 -20.65
N ASN A 134 -5.20 -10.41 -20.28
CA ASN A 134 -6.65 -10.16 -20.24
C ASN A 134 -7.24 -9.98 -18.84
N THR A 135 -6.39 -9.74 -17.84
CA THR A 135 -6.85 -9.55 -16.46
C THR A 135 -6.75 -8.09 -16.06
N SER A 136 -7.84 -7.55 -15.52
CA SER A 136 -7.83 -6.17 -15.02
C SER A 136 -7.40 -6.12 -13.55
N ILE A 137 -6.59 -5.10 -13.21
CA ILE A 137 -5.93 -4.99 -11.91
C ILE A 137 -5.97 -3.54 -11.45
N CYS A 138 -6.38 -3.29 -10.20
CA CYS A 138 -6.33 -1.98 -9.62
C CYS A 138 -5.55 -2.02 -8.31
N VAL A 139 -4.54 -1.18 -8.21
CA VAL A 139 -3.73 -1.05 -7.00
C VAL A 139 -3.99 0.31 -6.38
N VAL A 140 -4.41 0.31 -5.12
CA VAL A 140 -4.72 1.53 -4.37
C VAL A 140 -3.73 1.70 -3.21
N ASN A 141 -3.26 2.94 -3.01
CA ASN A 141 -2.40 3.35 -1.90
C ASN A 141 -3.14 4.45 -1.15
N SER A 142 -3.47 4.22 0.13
CA SER A 142 -4.20 5.21 0.92
C SER A 142 -3.46 5.59 2.19
N HIS A 143 -3.56 6.87 2.53
CA HIS A 143 -3.19 7.37 3.84
C HIS A 143 -4.44 7.92 4.51
N LEU A 144 -4.98 7.16 5.48
CA LEU A 144 -6.22 7.50 6.16
C LEU A 144 -5.95 8.26 7.47
N ALA A 145 -6.99 8.90 8.02
CA ALA A 145 -6.88 9.80 9.17
C ALA A 145 -6.15 9.23 10.36
N ALA A 146 -5.35 10.06 11.02
CA ALA A 146 -4.57 9.65 12.19
C ALA A 146 -5.40 9.63 13.49
N HIS A 147 -4.82 9.00 14.52
CA HIS A 147 -5.22 9.06 15.95
C HIS A 147 -6.25 8.01 16.34
N ILE A 148 -6.07 7.39 17.51
CA ILE A 148 -6.92 6.28 18.00
C ILE A 148 -8.41 6.58 17.85
N GLU A 149 -8.80 7.81 18.17
CA GLU A 149 -10.21 8.15 18.31
C GLU A 149 -10.90 8.53 17.00
N GLU A 150 -10.17 8.56 15.88
CA GLU A 150 -10.75 8.99 14.61
C GLU A 150 -11.11 7.84 13.65
N TYR A 151 -11.50 6.69 14.21
CA TYR A 151 -11.76 5.50 13.40
C TYR A 151 -12.92 5.70 12.43
N GLU A 152 -13.91 6.49 12.84
CA GLU A 152 -15.06 6.77 11.97
C GLU A 152 -14.61 7.59 10.76
N ARG A 153 -13.68 8.51 10.96
CA ARG A 153 -13.15 9.28 9.84
C ARG A 153 -12.35 8.41 8.88
N ARG A 154 -11.59 7.46 9.41
CA ARG A 154 -10.89 6.49 8.57
C ARG A 154 -11.89 5.72 7.71
N ASN A 155 -12.95 5.23 8.33
CA ASN A 155 -13.98 4.53 7.61
C ASN A 155 -14.51 5.40 6.49
N GLN A 156 -14.81 6.66 6.82
CA GLN A 156 -15.31 7.61 5.83
C GLN A 156 -14.28 7.92 4.73
N ASP A 157 -13.00 8.00 5.08
CA ASP A 157 -11.96 8.24 4.08
C ASP A 157 -11.98 7.11 3.07
N TYR A 158 -12.06 5.88 3.59
CA TYR A 158 -12.14 4.70 2.73
C TYR A 158 -13.35 4.80 1.80
N LYS A 159 -14.53 5.04 2.36
CA LYS A 159 -15.73 5.16 1.54
C LYS A 159 -15.58 6.25 0.51
N ASP A 160 -14.98 7.39 0.89
CA ASP A 160 -14.81 8.52 -0.05
C ASP A 160 -13.87 8.20 -1.21
N ILE A 161 -12.80 7.46 -0.94
CA ILE A 161 -11.88 7.06 -2.00
C ILE A 161 -12.62 6.11 -2.95
N CYS A 162 -13.42 5.21 -2.40
CA CYS A 162 -14.16 4.23 -3.21
C CYS A 162 -15.21 4.89 -4.11
N SER A 163 -15.96 5.85 -3.57
CA SER A 163 -17.00 6.52 -4.38
C SER A 163 -16.46 7.55 -5.37
N ARG A 164 -15.38 8.26 -5.03
CA ARG A 164 -14.91 9.35 -5.90
C ARG A 164 -13.85 8.94 -6.92
N MET A 165 -13.15 7.83 -6.70
CA MET A 165 -12.11 7.39 -7.63
C MET A 165 -12.78 6.85 -8.90
N GLN A 166 -12.58 7.54 -10.02
CA GLN A 166 -13.10 7.12 -11.33
C GLN A 166 -12.00 7.14 -12.39
N PHE A 167 -11.86 6.06 -13.14
CA PHE A 167 -10.85 5.98 -14.19
C PHE A 167 -11.47 6.16 -15.59
N CYS A 168 -10.71 6.75 -16.50
CA CYS A 168 -11.10 6.79 -17.91
C CYS A 168 -11.18 5.40 -18.48
N GLN A 169 -11.89 5.29 -19.59
CA GLN A 169 -12.17 4.03 -20.25
C GLN A 169 -12.13 4.26 -21.77
N PRO A 170 -11.90 3.18 -22.55
CA PRO A 170 -11.98 3.34 -24.02
C PRO A 170 -13.41 3.58 -24.57
N ASP A 171 -14.43 3.11 -23.86
CA ASP A 171 -15.82 3.26 -24.30
C ASP A 171 -16.61 4.32 -23.49
N PRO A 172 -16.95 5.48 -24.13
CA PRO A 172 -17.73 6.52 -23.42
C PRO A 172 -19.23 6.21 -23.22
N SER A 173 -19.74 5.17 -23.88
CA SER A 173 -21.09 4.63 -23.59
C SER A 173 -21.23 4.27 -22.12
N LEU A 174 -20.26 3.47 -21.64
CA LEU A 174 -20.31 2.84 -20.31
C LEU A 174 -20.05 3.84 -19.16
N PRO A 175 -20.53 3.50 -17.95
CA PRO A 175 -20.15 4.32 -16.78
C PRO A 175 -18.65 4.18 -16.47
N PRO A 176 -18.00 5.27 -16.00
CA PRO A 176 -16.55 5.14 -15.73
C PRO A 176 -16.17 4.01 -14.76
N LEU A 177 -14.94 3.53 -14.89
CA LEU A 177 -14.39 2.49 -14.02
C LEU A 177 -14.23 3.00 -12.60
N THR A 178 -14.71 2.21 -11.65
CA THR A 178 -14.41 2.41 -10.25
C THR A 178 -13.38 1.35 -9.81
N ILE A 179 -12.87 1.48 -8.59
CA ILE A 179 -11.91 0.54 -8.03
C ILE A 179 -12.48 -0.88 -8.05
N SER A 180 -13.73 -1.04 -7.62
CA SER A 180 -14.34 -2.36 -7.52
C SER A 180 -14.53 -3.12 -8.86
N ASN A 181 -14.57 -2.43 -9.98
N ASN A 181 -14.54 -2.39 -9.97
CA ASN A 181 -14.72 -3.10 -11.28
CA ASN A 181 -14.65 -2.96 -11.33
C ASN A 181 -13.37 -3.58 -11.83
C ASN A 181 -13.37 -3.60 -11.86
N HIS A 182 -12.70 -4.42 -11.06
CA HIS A 182 -11.44 -5.06 -11.50
C HIS A 182 -11.36 -6.49 -11.01
N ASP A 183 -10.72 -7.34 -11.79
CA ASP A 183 -10.54 -8.75 -11.44
C ASP A 183 -9.70 -8.89 -10.18
N VAL A 184 -8.68 -8.04 -10.06
CA VAL A 184 -7.77 -8.08 -8.92
C VAL A 184 -7.65 -6.69 -8.34
N ILE A 185 -7.82 -6.58 -7.03
CA ILE A 185 -7.62 -5.34 -6.31
C ILE A 185 -6.63 -5.59 -5.18
N LEU A 186 -5.55 -4.80 -5.15
CA LEU A 186 -4.57 -4.81 -4.06
C LEU A 186 -4.67 -3.42 -3.44
N TRP A 187 -4.94 -3.37 -2.13
CA TRP A 187 -5.06 -2.14 -1.42
C TRP A 187 -4.03 -2.13 -0.32
N LEU A 188 -3.19 -1.09 -0.32
CA LEU A 188 -2.11 -0.98 0.66
C LEU A 188 -2.09 0.44 1.20
N GLY A 189 -1.40 0.66 2.32
CA GLY A 189 -1.21 2.00 2.81
C GLY A 189 -0.96 2.09 4.29
N ASP A 190 -0.79 3.33 4.77
CA ASP A 190 -0.86 3.62 6.19
C ASP A 190 -2.31 3.85 6.50
N LEU A 191 -3.02 2.78 6.83
CA LEU A 191 -4.44 2.87 7.08
C LEU A 191 -4.74 3.47 8.47
N ASN A 192 -3.73 3.50 9.34
CA ASN A 192 -3.75 4.27 10.58
C ASN A 192 -4.69 3.75 11.67
N TYR A 193 -5.17 2.53 11.52
CA TYR A 193 -6.00 1.93 12.55
C TYR A 193 -5.10 1.50 13.72
N ARG A 194 -5.63 1.64 14.93
CA ARG A 194 -4.86 1.47 16.15
C ARG A 194 -5.42 0.34 17.02
N ILE A 195 -4.84 0.15 18.20
CA ILE A 195 -5.31 -0.85 19.17
C ILE A 195 -6.30 -0.22 20.18
N GLU A 196 -7.57 -0.65 20.14
CA GLU A 196 -8.58 -0.18 21.09
CA GLU A 196 -8.63 -0.25 21.08
C GLU A 196 -8.33 -0.69 22.51
N GLU A 197 -8.93 0.01 23.47
CA GLU A 197 -9.04 -0.42 24.87
C GLU A 197 -7.75 -0.54 25.70
N LEU A 198 -6.79 -1.35 25.25
CA LEU A 198 -5.58 -1.63 26.04
C LEU A 198 -4.77 -0.35 26.25
N ASP A 199 -4.01 -0.29 27.35
CA ASP A 199 -3.18 0.87 27.65
C ASP A 199 -1.80 0.63 27.09
N VAL A 200 -1.03 1.70 26.95
CA VAL A 200 0.22 1.65 26.21
C VAL A 200 1.15 0.57 26.75
N GLU A 201 1.19 0.44 28.08
CA GLU A 201 2.07 -0.51 28.74
C GLU A 201 1.69 -1.96 28.44
N LYS A 202 0.38 -2.22 28.43
CA LYS A 202 -0.14 -3.56 28.11
C LYS A 202 0.15 -3.93 26.65
N VAL A 203 -0.04 -2.96 25.74
CA VAL A 203 0.29 -3.14 24.32
C VAL A 203 1.77 -3.51 24.14
N LYS A 204 2.67 -2.76 24.78
CA LYS A 204 4.10 -3.03 24.66
C LYS A 204 4.53 -4.37 25.29
N LYS A 205 3.81 -4.79 26.32
CA LYS A 205 4.10 -6.06 27.00
C LYS A 205 3.72 -7.23 26.09
N LEU A 206 2.47 -7.23 25.59
CA LEU A 206 2.04 -8.20 24.59
C LEU A 206 3.03 -8.35 23.42
N ILE A 207 3.61 -7.25 22.96
CA ILE A 207 4.59 -7.28 21.86
C ILE A 207 5.92 -7.92 22.27
N GLU A 208 6.34 -7.68 23.50
CA GLU A 208 7.57 -8.28 24.02
C GLU A 208 7.36 -9.78 24.19
N GLU A 209 6.14 -10.14 24.55
CA GLU A 209 5.72 -11.54 24.65
C GLU A 209 5.47 -12.19 23.29
N LYS A 210 5.39 -11.38 22.24
CA LYS A 210 5.06 -11.85 20.89
C LYS A 210 3.67 -12.48 20.79
N ASP A 211 2.73 -12.01 21.61
CA ASP A 211 1.35 -12.49 21.57
C ASP A 211 0.52 -11.62 20.61
N PHE A 212 0.79 -11.80 19.31
CA PHE A 212 0.17 -10.99 18.26
C PHE A 212 -1.30 -11.35 18.04
N GLN A 213 -1.69 -12.60 18.27
CA GLN A 213 -3.10 -13.01 18.17
C GLN A 213 -3.98 -12.23 19.15
N MET A 214 -3.48 -12.04 20.36
CA MET A 214 -4.19 -11.34 21.43
C MET A 214 -4.24 -9.84 21.19
N LEU A 215 -3.10 -9.25 20.84
CA LEU A 215 -3.05 -7.84 20.46
C LEU A 215 -3.99 -7.60 19.27
N TYR A 216 -4.00 -8.53 18.30
CA TYR A 216 -4.86 -8.40 17.11
C TYR A 216 -6.36 -8.39 17.44
N ALA A 217 -6.77 -9.02 18.53
CA ALA A 217 -8.19 -9.04 18.91
C ALA A 217 -8.71 -7.64 19.21
N TYR A 218 -7.79 -6.70 19.49
CA TYR A 218 -8.10 -5.31 19.81
C TYR A 218 -7.82 -4.32 18.67
N ASP A 219 -7.44 -4.84 17.50
CA ASP A 219 -7.08 -4.01 16.37
C ASP A 219 -8.34 -3.43 15.73
N GLN A 220 -8.33 -2.13 15.46
CA GLN A 220 -9.50 -1.43 14.98
C GLN A 220 -9.91 -1.87 13.59
N LEU A 221 -8.93 -2.17 12.72
CA LEU A 221 -9.27 -2.58 11.37
C LEU A 221 -10.01 -3.91 11.41
N LYS A 222 -9.49 -4.88 12.16
CA LYS A 222 -10.17 -6.17 12.36
C LYS A 222 -11.62 -5.95 12.78
N ILE A 223 -11.83 -5.12 13.80
CA ILE A 223 -13.16 -4.85 14.34
C ILE A 223 -14.06 -4.20 13.29
N GLN A 224 -13.55 -3.17 12.61
CA GLN A 224 -14.33 -2.50 11.56
C GLN A 224 -14.66 -3.42 10.38
N VAL A 225 -13.73 -4.27 9.99
CA VAL A 225 -13.97 -5.25 8.93
C VAL A 225 -15.08 -6.24 9.36
N ALA A 226 -15.04 -6.71 10.61
CA ALA A 226 -16.08 -7.60 11.13
C ALA A 226 -17.45 -6.92 11.12
N ALA A 227 -17.49 -5.62 11.46
CA ALA A 227 -18.74 -4.86 11.47
C ALA A 227 -19.20 -4.45 10.06
N LYS A 228 -18.38 -4.74 9.05
CA LYS A 228 -18.71 -4.44 7.64
C LYS A 228 -18.82 -2.95 7.30
N THR A 229 -18.08 -2.11 8.02
CA THR A 229 -18.03 -0.68 7.73
C THR A 229 -16.97 -0.32 6.67
N VAL A 230 -15.97 -1.19 6.48
CA VAL A 230 -14.87 -0.97 5.53
C VAL A 230 -14.36 -2.27 4.94
N PHE A 231 -13.68 -2.17 3.81
CA PHE A 231 -12.99 -3.30 3.18
C PHE A 231 -13.87 -4.54 3.03
N GLU A 232 -15.09 -4.32 2.58
CA GLU A 232 -16.05 -5.39 2.37
C GLU A 232 -15.55 -6.35 1.28
N GLY A 233 -15.39 -7.62 1.63
CA GLY A 233 -14.92 -8.64 0.66
C GLY A 233 -13.41 -8.74 0.48
N PHE A 234 -12.66 -7.89 1.18
CA PHE A 234 -11.20 -7.96 1.15
C PHE A 234 -10.69 -8.95 2.20
N THR A 235 -9.52 -9.51 1.93
CA THR A 235 -8.83 -10.36 2.89
C THR A 235 -7.53 -9.68 3.31
N GLU A 236 -7.16 -9.83 4.58
CA GLU A 236 -5.80 -9.54 5.05
C GLU A 236 -5.17 -10.81 5.60
N GLY A 237 -3.90 -11.01 5.31
CA GLY A 237 -3.16 -12.11 5.90
C GLY A 237 -2.89 -11.91 7.38
N GLU A 238 -2.53 -13.01 8.04
CA GLU A 238 -2.27 -12.99 9.47
C GLU A 238 -1.09 -12.08 9.76
N LEU A 239 -1.24 -11.24 10.77
CA LEU A 239 -0.16 -10.37 11.21
C LEU A 239 0.78 -11.15 12.13
N THR A 240 1.99 -11.44 11.66
CA THR A 240 2.98 -12.18 12.44
C THR A 240 4.21 -11.35 12.73
N PHE A 241 4.19 -10.08 12.32
CA PHE A 241 5.26 -9.14 12.63
C PHE A 241 4.77 -8.17 13.68
N GLN A 242 5.67 -7.48 14.35
CA GLN A 242 5.24 -6.55 15.39
C GLN A 242 4.79 -5.22 14.76
N PRO A 243 3.94 -4.48 15.46
CA PRO A 243 3.51 -3.17 15.02
C PRO A 243 4.63 -2.30 14.40
N THR A 244 4.26 -1.57 13.36
CA THR A 244 5.21 -0.91 12.49
C THR A 244 5.36 0.56 12.83
N TYR A 245 4.59 1.02 13.82
CA TYR A 245 4.62 2.37 14.31
C TYR A 245 4.49 2.29 15.85
N LYS A 246 5.06 3.22 16.63
CA LYS A 246 5.82 4.39 16.22
C LYS A 246 7.19 4.31 16.86
N TYR A 247 8.23 4.49 16.05
CA TYR A 247 9.60 4.32 16.50
C TYR A 247 10.33 5.65 16.52
N ASP A 248 11.32 5.80 17.41
CA ASP A 248 12.28 6.87 17.28
C ASP A 248 13.03 6.65 15.96
N THR A 249 13.14 7.72 15.18
CA THR A 249 13.96 7.73 13.98
C THR A 249 15.36 7.20 14.29
N GLY A 250 15.93 6.43 13.37
CA GLY A 250 17.28 5.88 13.53
C GLY A 250 17.42 4.68 14.48
N SER A 251 16.30 4.15 14.95
CA SER A 251 16.30 3.10 15.96
C SER A 251 15.13 2.13 15.82
N ASP A 252 15.13 1.12 16.70
CA ASP A 252 14.03 0.17 16.86
C ASP A 252 13.31 0.38 18.20
N ASP A 253 13.48 1.55 18.82
CA ASP A 253 12.83 1.83 20.09
C ASP A 253 11.48 2.47 19.85
N TRP A 254 10.54 2.21 20.75
CA TRP A 254 9.26 2.87 20.69
C TRP A 254 9.42 4.35 21.00
N ASP A 255 8.60 5.16 20.34
CA ASP A 255 8.55 6.61 20.53
C ASP A 255 8.82 7.04 22.00
N THR A 256 9.95 7.71 22.23
CA THR A 256 10.28 8.25 23.56
C THR A 256 10.07 9.77 23.67
N SER A 257 9.39 10.37 22.70
CA SER A 257 9.03 11.79 22.77
C SER A 257 7.94 12.00 23.82
N GLU A 258 7.47 13.24 23.96
CA GLU A 258 6.45 13.58 24.94
C GLU A 258 5.12 12.88 24.63
N LYS A 259 4.73 12.83 23.35
CA LYS A 259 3.46 12.17 22.99
C LYS A 259 3.42 10.67 23.31
N CYS A 260 4.60 10.04 23.42
CA CYS A 260 4.75 8.63 23.83
C CYS A 260 3.68 7.70 23.23
N ARG A 261 3.68 7.57 21.90
CA ARG A 261 2.57 6.93 21.20
C ARG A 261 2.49 5.42 21.47
N ALA A 262 1.26 4.91 21.55
CA ALA A 262 1.00 3.49 21.62
C ALA A 262 1.31 2.84 20.26
N PRO A 263 2.04 1.71 20.27
CA PRO A 263 2.26 0.99 19.03
C PRO A 263 0.98 0.64 18.29
N ALA A 264 1.09 0.48 16.97
CA ALA A 264 -0.06 0.19 16.14
C ALA A 264 0.37 -0.46 14.83
N TRP A 265 -0.45 -1.39 14.33
CA TRP A 265 -0.27 -1.92 12.98
C TRP A 265 -0.94 -0.94 12.04
N CYS A 266 -0.25 0.16 11.77
CA CYS A 266 -0.77 1.23 10.92
C CYS A 266 -0.76 0.81 9.45
N ASP A 267 0.23 0.00 9.09
CA ASP A 267 0.64 -0.22 7.73
C ASP A 267 0.23 -1.62 7.28
N ARG A 268 -0.68 -1.66 6.32
CA ARG A 268 -1.43 -2.87 6.00
C ARG A 268 -1.51 -3.08 4.49
N ILE A 269 -1.75 -4.33 4.11
CA ILE A 269 -1.97 -4.70 2.71
C ILE A 269 -3.13 -5.69 2.70
N LEU A 270 -4.14 -5.43 1.87
CA LEU A 270 -5.29 -6.32 1.72
C LEU A 270 -5.56 -6.57 0.24
N TRP A 271 -6.39 -7.58 -0.06
CA TRP A 271 -6.64 -7.96 -1.44
C TRP A 271 -8.02 -8.53 -1.67
N LYS A 272 -8.46 -8.43 -2.93
CA LYS A 272 -9.72 -9.00 -3.37
C LYS A 272 -9.59 -9.48 -4.81
N GLY A 273 -10.04 -10.70 -5.08
CA GLY A 273 -10.07 -11.24 -6.42
C GLY A 273 -9.85 -12.75 -6.42
N LYS A 274 -10.15 -13.36 -7.56
CA LYS A 274 -9.93 -14.78 -7.78
C LYS A 274 -8.47 -15.08 -8.06
N ASN A 275 -8.10 -16.33 -7.81
CA ASN A 275 -6.76 -16.84 -8.09
C ASN A 275 -5.62 -16.05 -7.40
N ILE A 276 -5.84 -15.62 -6.16
CA ILE A 276 -4.79 -14.98 -5.39
C ILE A 276 -4.35 -15.84 -4.19
N THR A 277 -3.03 -15.97 -4.02
CA THR A 277 -2.44 -16.62 -2.85
C THR A 277 -1.31 -15.75 -2.28
N GLN A 278 -1.40 -15.45 -0.98
CA GLN A 278 -0.35 -14.70 -0.30
C GLN A 278 0.75 -15.66 0.13
N LEU A 279 1.97 -15.38 -0.32
CA LEU A 279 3.13 -16.16 0.03
C LEU A 279 3.89 -15.59 1.25
N SER A 280 3.67 -14.32 1.57
CA SER A 280 4.39 -13.66 2.64
C SER A 280 3.74 -12.33 3.01
N TYR A 281 3.91 -11.96 4.27
CA TYR A 281 3.42 -10.69 4.77
C TYR A 281 4.36 -10.33 5.94
N GLN A 282 5.15 -9.28 5.76
CA GLN A 282 6.30 -9.00 6.61
C GLN A 282 6.51 -7.51 6.79
N SER A 283 7.13 -7.13 7.91
CA SER A 283 7.70 -5.79 8.06
C SER A 283 9.19 -5.94 7.98
N HIS A 284 9.89 -4.82 7.84
CA HIS A 284 11.32 -4.80 7.63
C HIS A 284 11.95 -3.86 8.65
N MET A 285 12.34 -4.43 9.79
CA MET A 285 12.85 -3.67 10.94
C MET A 285 14.16 -2.98 10.65
N ALA A 286 14.99 -3.53 9.76
CA ALA A 286 16.32 -3.01 9.51
C ALA A 286 16.34 -1.61 8.91
N LEU A 287 15.22 -1.14 8.38
CA LEU A 287 15.17 0.21 7.80
C LEU A 287 14.73 1.19 8.87
N LYS A 288 15.55 2.19 9.12
CA LYS A 288 15.34 3.09 10.25
C LYS A 288 15.27 4.57 9.89
N THR A 289 15.16 4.90 8.61
CA THR A 289 15.00 6.30 8.18
C THR A 289 13.73 6.95 8.78
N SER A 290 12.70 6.15 9.05
CA SER A 290 11.40 6.68 9.42
C SER A 290 10.96 6.24 10.80
N ASP A 291 9.91 6.88 11.30
CA ASP A 291 9.26 6.41 12.50
C ASP A 291 8.28 5.24 12.24
N HIS A 292 8.05 4.91 10.97
CA HIS A 292 7.39 3.67 10.59
C HIS A 292 8.40 2.69 10.01
N LYS A 293 8.10 1.39 10.11
CA LYS A 293 8.82 0.39 9.34
C LYS A 293 8.01 0.06 8.06
N PRO A 294 8.71 -0.23 6.96
CA PRO A 294 8.02 -0.66 5.73
C PRO A 294 7.40 -2.04 5.85
N VAL A 295 6.35 -2.28 5.06
CA VAL A 295 5.66 -3.55 5.02
C VAL A 295 5.63 -4.08 3.60
N SER A 296 5.68 -5.40 3.44
CA SER A 296 5.65 -6.02 2.12
C SER A 296 4.80 -7.28 2.12
N SER A 297 4.31 -7.64 0.92
CA SER A 297 3.62 -8.89 0.70
C SER A 297 3.92 -9.36 -0.72
N VAL A 298 4.21 -10.65 -0.87
CA VAL A 298 4.32 -11.24 -2.17
C VAL A 298 3.13 -12.19 -2.40
N PHE A 299 2.54 -12.07 -3.59
CA PHE A 299 1.38 -12.84 -3.99
C PHE A 299 1.68 -13.63 -5.26
N ASP A 300 1.03 -14.79 -5.39
CA ASP A 300 0.94 -15.52 -6.65
C ASP A 300 -0.43 -15.19 -7.16
N ILE A 301 -0.50 -14.62 -8.36
CA ILE A 301 -1.78 -14.21 -8.91
C ILE A 301 -1.96 -14.84 -10.28
N GLY A 302 -3.08 -15.55 -10.44
CA GLY A 302 -3.45 -16.15 -11.71
C GLY A 302 -3.96 -15.11 -12.68
N VAL A 303 -3.33 -15.04 -13.85
CA VAL A 303 -3.67 -14.04 -14.85
C VAL A 303 -4.16 -14.75 -16.12
N ARG A 304 -5.19 -14.18 -16.75
CA ARG A 304 -5.74 -14.76 -18.00
C ARG A 304 -4.84 -14.43 -19.17
N VAL A 305 -4.16 -15.44 -19.69
CA VAL A 305 -3.26 -15.26 -20.84
C VAL A 305 -3.87 -15.90 -22.09
N VAL A 306 -3.65 -15.26 -23.23
CA VAL A 306 -4.13 -15.76 -24.50
C VAL A 306 -3.20 -16.87 -24.97
N ALA A 307 -3.76 -18.04 -25.23
CA ALA A 307 -3.01 -19.15 -25.83
C ALA A 307 -2.55 -18.78 -27.26
N HIS A 308 -1.31 -19.12 -27.61
CA HIS A 308 -0.82 -18.87 -28.98
C HIS A 308 -1.43 -19.88 -29.95
N HIS A 309 -1.97 -19.38 -31.06
CA HIS A 309 -2.52 -20.24 -32.13
C HIS A 309 -1.46 -20.57 -33.17
N HIS A 310 -1.26 -21.86 -33.43
CA HIS A 310 -0.38 -22.31 -34.51
C HIS A 310 -1.14 -23.24 -35.46
C1 GOL B . 3.82 -15.53 -20.77
O1 GOL B . 3.02 -16.03 -21.83
C2 GOL B . 4.49 -14.25 -21.24
O2 GOL B . 5.66 -14.58 -21.96
C3 GOL B . 4.85 -13.33 -20.08
O3 GOL B . 4.11 -12.12 -20.11
MG MG C . 4.79 11.50 10.39
C1 PIF D . -1.06 13.41 10.94
O1 PIF D . -1.30 14.15 9.75
P1 PIF D . -2.45 15.22 9.39
C2 PIF D . -0.69 14.28 12.15
O2 PIF D . 0.36 15.20 11.82
C3 PIF D . -0.33 13.35 13.32
O3 PIF D . 0.06 14.13 14.44
C4 PIF D . 0.77 12.33 13.01
O4 PIF D . 0.76 11.26 13.97
P4 PIF D . 1.87 11.17 15.13
C5 PIF D . 0.62 11.61 11.68
O5 PIF D . 1.93 11.11 11.32
C6 PIF D . 0.10 12.49 10.56
O6 PIF D . -0.32 11.63 9.50
C7 PIF D . -2.06 17.89 9.60
C8 PIF D . -1.59 18.45 8.27
C9 PIF D . -2.40 19.67 7.88
C10 PIF D . -2.87 21.87 8.88
C11 PIF D . -3.81 22.41 7.81
O11 PIF D . -2.64 15.07 7.90
C12 PIF D . -3.71 23.92 7.60
O12 PIF D . -3.65 15.13 10.31
C13 PIF D . -4.96 24.52 6.97
O13 PIF D . -1.59 16.55 9.75
C14 PIF D . -4.78 25.01 5.53
O14 PIF D . -0.23 18.85 8.31
C15 PIF D . -6.13 25.14 4.82
O15 PIF D . -2.68 20.45 9.04
C16 PIF D . -5.97 25.52 3.34
O16 PIF D . -2.25 22.59 9.64
C17 PIF D . -7.06 24.89 2.48
O17 PIF D . -0.06 18.17 6.10
C18 PIF D . 0.45 18.79 7.01
C19 PIF D . 1.78 19.49 6.83
C20 PIF D . 1.62 20.62 5.79
C21 PIF D . 0.65 21.70 6.23
C22 PIF D . 1.11 23.08 5.76
C23 PIF D . 0.03 24.16 5.87
C24 PIF D . 0.36 25.20 6.94
C25 PIF D . -0.55 26.40 6.82
O41 PIF D . 1.80 12.56 15.78
O42 PIF D . 1.34 10.02 15.95
O43 PIF D . 3.16 10.84 14.39
S SO4 E . 6.88 23.82 6.44
O1 SO4 E . 7.77 24.93 6.74
O2 SO4 E . 7.53 22.56 6.84
O3 SO4 E . 5.64 23.98 7.21
O4 SO4 E . 6.70 23.82 5.00
C1 GOL F . -9.86 18.11 8.15
O1 GOL F . -9.37 16.95 8.75
C2 GOL F . -11.16 18.50 8.82
O2 GOL F . -12.15 17.62 8.35
C3 GOL F . -11.58 19.93 8.50
O3 GOL F . -10.47 20.81 8.49
CL CL G . 14.64 -6.41 7.56
#